data_8PUY
#
_entry.id   8PUY
#
_cell.length_a   122.690
_cell.length_b   61.598
_cell.length_c   79.699
_cell.angle_alpha   90.00
_cell.angle_beta   117.51
_cell.angle_gamma   90.00
#
_symmetry.space_group_name_H-M   'C 1 2 1'
#
loop_
_entity.id
_entity.type
_entity.pdbx_description
1 polymer 'Transcriptional enhancer factor TEF-4'
2 non-polymer ~{N}-[3-[(3-pentoxyphenyl)amino]phenyl]propanamide
3 non-polymer 'MYRISTIC ACID'
4 water water
#
_entity_poly.entity_id   1
_entity_poly.type   'polypeptide(L)'
_entity_poly.pdbx_seq_one_letter_code
;MAWQARGLGTARLQLVEFSAFVEPPDAVDSYQRHLFVHISQHCPSPGAPPLESVDVRQIYDKFPEKKGGLRELYDRGPPH
AFFLVKFWADLNWGPSGEEAGAGGSISSGGFYGVSSQYESLEHMTLTCSSKVCSFGKQVVEKVETERAQLEDGRFVYRLL
RSPMCEYLVNFLHKLRQLPERYMMNSVLENFTILQVVTNRDTQELLLCTAYVFEVSTSERGAQHHIYRLVRDVEHHHHHH
;
_entity_poly.pdbx_strand_id   B,A
#
# COMPACT_ATOMS: atom_id res chain seq x y z
N ALA A 2 27.03 -3.00 -24.80
CA ALA A 2 26.64 -2.55 -23.42
C ALA A 2 25.36 -3.26 -22.97
N TRP A 3 25.06 -3.23 -21.67
CA TRP A 3 23.85 -3.85 -21.06
C TRP A 3 23.01 -2.81 -20.33
N GLN A 4 23.16 -1.55 -20.76
CA GLN A 4 22.43 -0.36 -20.23
C GLN A 4 21.00 -0.39 -20.82
N ALA A 5 20.00 -0.12 -19.99
CA ALA A 5 18.55 -0.15 -20.35
C ALA A 5 18.26 0.74 -21.56
N ARG A 6 17.38 0.26 -22.43
CA ARG A 6 16.81 1.00 -23.58
C ARG A 6 15.41 1.50 -23.21
N GLY A 7 14.74 0.86 -22.25
CA GLY A 7 13.43 1.32 -21.71
C GLY A 7 13.32 1.11 -20.22
N LEU A 8 12.15 1.40 -19.66
CA LEU A 8 11.87 1.22 -18.22
C LEU A 8 11.60 -0.26 -18.00
N GLY A 9 12.65 -1.00 -17.67
CA GLY A 9 12.56 -2.43 -17.37
C GLY A 9 13.95 -2.99 -17.20
N THR A 10 14.03 -4.20 -16.66
CA THR A 10 15.19 -5.11 -16.66
C THR A 10 14.80 -6.36 -17.45
N ALA A 11 15.70 -7.33 -17.53
CA ALA A 11 15.46 -8.59 -18.25
C ALA A 11 14.49 -9.41 -17.43
N ARG A 12 14.30 -9.07 -16.15
CA ARG A 12 13.40 -9.85 -15.26
C ARG A 12 11.99 -9.27 -15.27
N LEU A 13 11.83 -7.98 -15.55
CA LEU A 13 10.51 -7.31 -15.46
C LEU A 13 10.50 -6.00 -16.24
N GLN A 14 9.60 -5.91 -17.20
CA GLN A 14 9.48 -4.75 -18.11
C GLN A 14 8.13 -4.08 -17.83
N LEU A 15 8.13 -2.77 -17.69
CA LEU A 15 6.87 -2.02 -17.72
C LEU A 15 6.35 -2.14 -19.16
N VAL A 16 5.09 -2.52 -19.30
CA VAL A 16 4.42 -2.58 -20.62
C VAL A 16 3.68 -1.26 -20.77
N GLU A 17 2.88 -0.95 -19.76
CA GLU A 17 2.01 0.23 -19.84
C GLU A 17 1.73 0.72 -18.42
N PHE A 18 1.75 2.04 -18.26
CA PHE A 18 1.32 2.74 -17.04
C PHE A 18 0.50 3.96 -17.46
N SER A 19 -0.54 4.26 -16.69
CA SER A 19 -1.41 5.43 -16.94
C SER A 19 -2.18 5.78 -15.67
N ALA A 20 -2.31 7.07 -15.40
CA ALA A 20 -3.28 7.61 -14.43
C ALA A 20 -4.28 8.39 -15.24
N PHE A 21 -5.58 8.24 -14.98
CA PHE A 21 -6.61 8.85 -15.85
C PHE A 21 -7.83 9.17 -15.02
N VAL A 22 -8.77 9.84 -15.64
CA VAL A 22 -10.14 10.06 -15.08
C VAL A 22 -11.15 9.87 -16.23
N GLU A 23 -12.21 9.16 -15.92
CA GLU A 23 -13.34 8.93 -16.85
C GLU A 23 -14.49 9.82 -16.37
N PRO A 24 -14.94 10.82 -17.15
CA PRO A 24 -16.02 11.71 -16.70
C PRO A 24 -17.29 10.89 -16.49
N PRO A 25 -18.22 11.31 -15.61
CA PRO A 25 -19.48 10.59 -15.42
C PRO A 25 -20.18 10.28 -16.76
N ASP A 26 -20.07 11.22 -17.72
CA ASP A 26 -20.63 11.10 -19.10
C ASP A 26 -20.04 9.90 -19.84
N ALA A 27 -19.01 9.24 -19.29
CA ALA A 27 -18.25 8.17 -19.97
C ALA A 27 -19.19 7.02 -20.34
N VAL A 28 -20.20 6.76 -19.49
CA VAL A 28 -21.20 5.67 -19.69
C VAL A 28 -21.97 5.90 -21.00
N ASP A 29 -22.16 7.16 -21.43
CA ASP A 29 -22.96 7.53 -22.63
C ASP A 29 -22.09 7.45 -23.89
N SER A 30 -21.08 8.33 -24.00
CA SER A 30 -20.03 8.29 -25.05
C SER A 30 -18.68 8.25 -24.36
N TYR A 31 -17.97 7.11 -24.41
CA TYR A 31 -16.77 6.84 -23.58
C TYR A 31 -15.71 7.90 -23.89
N GLN A 32 -15.04 8.38 -22.84
CA GLN A 32 -13.80 9.18 -22.96
C GLN A 32 -12.99 9.01 -21.67
N ARG A 33 -11.66 9.01 -21.77
CA ARG A 33 -10.79 9.12 -20.58
C ARG A 33 -9.71 10.19 -20.83
N HIS A 34 -9.35 10.88 -19.77
CA HIS A 34 -8.27 11.89 -19.76
C HIS A 34 -7.06 11.25 -19.09
N LEU A 35 -5.90 11.27 -19.76
CA LEU A 35 -4.63 10.74 -19.21
C LEU A 35 -3.89 11.89 -18.53
N PHE A 36 -3.69 11.82 -17.22
CA PHE A 36 -2.80 12.75 -16.49
C PHE A 36 -1.36 12.46 -16.91
N VAL A 37 -0.99 11.19 -16.92
CA VAL A 37 0.35 10.71 -17.38
C VAL A 37 0.13 9.35 -18.01
N HIS A 38 1.05 8.93 -18.87
CA HIS A 38 0.91 7.70 -19.68
C HIS A 38 2.29 7.25 -20.17
N ILE A 39 2.69 6.02 -19.90
CA ILE A 39 3.89 5.36 -20.50
C ILE A 39 3.41 4.14 -21.25
N SER A 40 3.73 4.05 -22.54
CA SER A 40 3.51 2.85 -23.39
C SER A 40 4.86 2.34 -23.91
N GLN A 41 5.21 1.09 -23.62
CA GLN A 41 6.42 0.44 -24.19
C GLN A 41 6.00 -0.76 -25.04
N HIS A 42 4.94 -0.58 -25.84
CA HIS A 42 4.57 -1.50 -26.95
C HIS A 42 5.40 -1.12 -28.18
N CYS A 43 6.39 -1.95 -28.55
CA CYS A 43 7.23 -1.84 -29.78
C CYS A 43 8.26 -0.72 -29.62
N PRO A 44 9.59 -1.01 -29.61
CA PRO A 44 10.60 0.02 -29.33
C PRO A 44 11.13 0.72 -30.59
N PRO A 49 18.73 2.53 -28.76
CA PRO A 49 19.39 3.71 -28.17
C PRO A 49 19.35 3.67 -26.64
N PRO A 50 20.49 3.85 -25.92
CA PRO A 50 20.48 3.77 -24.46
C PRO A 50 19.79 4.98 -23.82
N LEU A 51 19.15 4.80 -22.67
CA LEU A 51 18.52 5.92 -21.92
C LEU A 51 19.61 6.84 -21.39
N GLU A 52 19.25 8.09 -21.08
CA GLU A 52 20.13 9.04 -20.35
C GLU A 52 20.21 8.64 -18.88
N SER A 53 21.25 9.10 -18.22
CA SER A 53 21.58 8.77 -16.81
C SER A 53 21.46 10.03 -15.95
N VAL A 54 20.94 9.87 -14.74
CA VAL A 54 20.85 10.93 -13.68
C VAL A 54 21.41 10.31 -12.40
N ASP A 55 22.20 11.08 -11.65
CA ASP A 55 22.86 10.60 -10.41
C ASP A 55 21.83 10.61 -9.27
N VAL A 56 21.49 9.42 -8.78
CA VAL A 56 20.47 9.21 -7.73
C VAL A 56 20.75 10.10 -6.51
N ARG A 57 22.02 10.44 -6.25
CA ARG A 57 22.36 11.32 -5.09
C ARG A 57 21.64 12.66 -5.23
N GLN A 58 21.43 13.13 -6.47
CA GLN A 58 20.83 14.46 -6.79
C GLN A 58 19.35 14.53 -6.38
N ILE A 59 18.71 13.41 -6.04
CA ILE A 59 17.24 13.37 -5.72
C ILE A 59 17.01 12.66 -4.38
N TYR A 60 18.05 12.31 -3.63
CA TYR A 60 17.92 11.67 -2.28
C TYR A 60 16.88 12.45 -1.46
N ASP A 61 17.06 13.77 -1.35
CA ASP A 61 16.29 14.60 -0.40
C ASP A 61 14.85 14.78 -0.89
N LYS A 62 14.49 14.26 -2.08
CA LYS A 62 13.13 14.38 -2.66
C LYS A 62 12.33 13.12 -2.33
N PHE A 63 12.90 12.18 -1.57
CA PHE A 63 12.24 10.90 -1.22
C PHE A 63 12.44 10.58 0.25
N PRO A 64 11.68 9.61 0.80
CA PRO A 64 11.68 9.38 2.24
C PRO A 64 13.07 8.90 2.69
N GLU A 65 13.22 8.72 4.00
CA GLU A 65 14.50 8.36 4.64
C GLU A 65 14.38 7.05 5.43
N LYS A 66 15.52 6.54 5.89
CA LYS A 66 15.60 5.26 6.64
C LYS A 66 14.98 4.15 5.76
N LYS A 67 14.28 3.18 6.36
CA LYS A 67 13.74 2.00 5.63
C LYS A 67 13.01 2.52 4.38
N GLY A 68 13.37 2.00 3.20
CA GLY A 68 12.65 2.22 1.93
C GLY A 68 12.86 3.62 1.35
N GLY A 69 13.84 4.37 1.87
CA GLY A 69 14.35 5.60 1.24
C GLY A 69 15.29 5.22 0.10
N LEU A 70 15.36 6.06 -0.93
CA LEU A 70 16.20 5.79 -2.13
C LEU A 70 17.56 5.24 -1.70
N ARG A 71 18.23 5.91 -0.76
CA ARG A 71 19.66 5.61 -0.46
C ARG A 71 19.76 4.13 -0.06
N GLU A 72 18.84 3.65 0.78
CA GLU A 72 18.89 2.26 1.29
C GLU A 72 18.48 1.30 0.17
N LEU A 73 17.38 1.60 -0.53
CA LEU A 73 16.95 0.80 -1.70
C LEU A 73 18.12 0.69 -2.68
N TYR A 74 18.76 1.80 -3.04
CA TYR A 74 19.89 1.76 -4.00
C TYR A 74 21.00 0.89 -3.42
N ASP A 75 21.25 1.00 -2.10
CA ASP A 75 22.33 0.26 -1.39
C ASP A 75 22.06 -1.26 -1.49
N ARG A 76 20.82 -1.69 -1.31
CA ARG A 76 20.45 -3.13 -1.36
C ARG A 76 20.57 -3.63 -2.80
N GLY A 77 20.31 -2.76 -3.79
CA GLY A 77 20.43 -3.05 -5.22
C GLY A 77 19.24 -3.89 -5.72
N PRO A 78 19.25 -4.39 -6.97
CA PRO A 78 20.37 -4.20 -7.90
C PRO A 78 20.38 -2.83 -8.57
N PRO A 79 21.56 -2.24 -8.86
CA PRO A 79 21.62 -0.86 -9.36
C PRO A 79 20.95 -0.66 -10.73
N HIS A 80 20.80 -1.71 -11.53
CA HIS A 80 20.25 -1.57 -12.91
C HIS A 80 18.72 -1.44 -12.89
N ALA A 81 18.07 -1.72 -11.76
CA ALA A 81 16.60 -1.76 -11.60
C ALA A 81 16.04 -0.38 -11.28
N PHE A 82 16.86 0.67 -11.18
CA PHE A 82 16.43 2.02 -10.72
C PHE A 82 16.29 3.00 -11.89
N PHE A 83 15.12 3.63 -11.97
CA PHE A 83 14.74 4.54 -13.07
C PHE A 83 14.14 5.82 -12.52
N LEU A 84 14.33 6.93 -13.24
CA LEU A 84 13.69 8.23 -12.94
C LEU A 84 12.81 8.60 -14.12
N VAL A 85 11.54 8.84 -13.84
CA VAL A 85 10.56 9.31 -14.85
C VAL A 85 10.19 10.74 -14.50
N LYS A 86 10.36 11.64 -15.46
CA LYS A 86 9.93 13.02 -15.36
C LYS A 86 8.67 13.21 -16.22
N PHE A 87 7.56 13.46 -15.55
CA PHE A 87 6.22 13.58 -16.17
C PHE A 87 5.91 15.06 -16.35
N TRP A 88 5.31 15.37 -17.50
CA TRP A 88 4.56 16.62 -17.75
C TRP A 88 3.08 16.28 -17.76
N ALA A 89 2.41 16.49 -16.65
CA ALA A 89 1.04 15.99 -16.45
C ALA A 89 0.07 16.95 -17.16
N ASP A 90 -0.97 16.41 -17.77
CA ASP A 90 -2.05 17.20 -18.39
C ASP A 90 -3.14 17.41 -17.34
N LEU A 91 -3.29 18.63 -16.83
CA LEU A 91 -4.28 18.91 -15.75
C LEU A 91 -5.51 19.64 -16.29
N ASN A 92 -5.79 19.50 -17.59
CA ASN A 92 -6.91 20.20 -18.25
C ASN A 92 -7.97 19.17 -18.66
N TRP A 93 -8.96 18.95 -17.80
CA TRP A 93 -10.06 17.97 -18.07
C TRP A 93 -11.42 18.52 -17.61
N GLY A 109 -16.91 14.56 -10.01
CA GLY A 109 -17.19 13.23 -9.42
C GLY A 109 -17.15 12.12 -10.46
N GLY A 110 -15.99 11.93 -11.11
CA GLY A 110 -15.76 10.89 -12.14
C GLY A 110 -15.01 9.70 -11.54
N PHE A 111 -14.37 8.88 -12.36
CA PHE A 111 -13.55 7.76 -11.86
C PHE A 111 -12.09 8.05 -12.16
N TYR A 112 -11.33 8.20 -11.07
CA TYR A 112 -9.87 8.38 -11.03
C TYR A 112 -9.24 7.00 -10.82
N GLY A 113 -8.37 6.61 -11.74
CA GLY A 113 -7.81 5.25 -11.70
C GLY A 113 -6.36 5.21 -12.14
N VAL A 114 -5.71 4.10 -11.84
CA VAL A 114 -4.30 3.82 -12.18
C VAL A 114 -4.24 2.39 -12.76
N SER A 115 -3.63 2.23 -13.92
CA SER A 115 -3.43 0.92 -14.59
C SER A 115 -1.94 0.74 -14.84
N SER A 116 -1.46 -0.45 -14.53
CA SER A 116 -0.06 -0.89 -14.75
C SER A 116 -0.05 -2.32 -15.30
N GLN A 117 0.89 -2.59 -16.18
CA GLN A 117 1.09 -3.93 -16.73
C GLN A 117 2.60 -4.11 -16.87
N TYR A 118 3.10 -5.17 -16.28
CA TYR A 118 4.49 -5.65 -16.41
C TYR A 118 4.47 -7.03 -17.07
N GLU A 119 5.58 -7.37 -17.69
CA GLU A 119 5.80 -8.66 -18.38
C GLU A 119 7.06 -9.27 -17.79
N SER A 120 7.14 -10.59 -17.74
CA SER A 120 8.36 -11.29 -17.30
C SER A 120 8.54 -12.57 -18.11
N LEU A 121 9.77 -13.07 -18.13
CA LEU A 121 10.06 -14.42 -18.66
C LEU A 121 9.76 -15.45 -17.57
N GLU A 122 9.87 -15.09 -16.29
CA GLU A 122 9.66 -16.04 -15.17
C GLU A 122 8.34 -15.76 -14.45
N HIS A 123 7.82 -16.79 -13.79
CA HIS A 123 6.59 -16.80 -12.98
C HIS A 123 6.94 -16.31 -11.57
N MET A 124 6.32 -15.21 -11.12
CA MET A 124 6.61 -14.57 -9.81
C MET A 124 5.28 -14.12 -9.20
N THR A 125 5.25 -13.89 -7.90
CA THR A 125 4.21 -13.03 -7.30
C THR A 125 4.90 -11.70 -7.04
N LEU A 126 4.38 -10.64 -7.68
CA LEU A 126 4.93 -9.27 -7.53
C LEU A 126 4.22 -8.61 -6.35
N THR A 127 4.97 -7.88 -5.53
CA THR A 127 4.41 -6.85 -4.64
C THR A 127 4.74 -5.49 -5.25
N CYS A 128 3.73 -4.62 -5.35
CA CYS A 128 3.86 -3.25 -5.88
C CYS A 128 3.45 -2.27 -4.79
N SER A 129 4.41 -1.47 -4.35
CA SER A 129 4.22 -0.33 -3.43
C SER A 129 4.33 0.98 -4.20
N SER A 130 3.34 1.85 -4.10
CA SER A 130 3.43 3.26 -4.54
C SER A 130 3.40 4.19 -3.31
N LYS A 131 4.47 4.96 -3.15
CA LYS A 131 4.68 5.93 -2.04
C LYS A 131 4.52 7.34 -2.59
N VAL A 132 3.43 8.03 -2.25
CA VAL A 132 3.27 9.49 -2.49
C VAL A 132 4.02 10.26 -1.40
N CYS A 133 4.89 11.20 -1.81
CA CYS A 133 5.78 11.97 -0.91
C CYS A 133 5.60 13.48 -1.13
N SER A 134 5.57 14.23 -0.03
CA SER A 134 5.47 15.71 -0.02
C SER A 134 6.69 16.28 0.69
N PHE A 135 7.46 17.13 0.03
CA PHE A 135 8.77 17.63 0.55
C PHE A 135 9.66 16.47 1.01
N GLY A 136 9.52 15.27 0.43
CA GLY A 136 10.41 14.13 0.69
C GLY A 136 9.92 13.20 1.79
N LYS A 137 8.80 13.50 2.44
CA LYS A 137 8.26 12.64 3.52
C LYS A 137 7.10 11.83 2.95
N GLN A 138 7.06 10.54 3.26
CA GLN A 138 5.95 9.65 2.88
C GLN A 138 4.65 10.25 3.46
N VAL A 139 3.60 10.28 2.66
CA VAL A 139 2.27 10.85 3.02
C VAL A 139 1.22 9.75 2.93
N VAL A 140 1.35 8.89 1.92
CA VAL A 140 0.27 7.95 1.52
C VAL A 140 0.91 6.85 0.69
N GLU A 141 0.54 5.61 0.98
CA GLU A 141 1.21 4.42 0.41
C GLU A 141 0.17 3.36 0.09
N LYS A 142 0.32 2.76 -1.07
CA LYS A 142 -0.60 1.71 -1.57
C LYS A 142 0.27 0.52 -1.94
N VAL A 143 -0.06 -0.64 -1.38
CA VAL A 143 0.70 -1.88 -1.60
C VAL A 143 -0.26 -2.91 -2.19
N GLU A 144 0.10 -3.49 -3.33
CA GLU A 144 -0.72 -4.53 -3.99
C GLU A 144 0.19 -5.68 -4.42
N THR A 145 -0.36 -6.88 -4.44
CA THR A 145 0.30 -8.09 -4.98
C THR A 145 -0.41 -8.49 -6.28
N GLU A 146 0.33 -8.93 -7.28
CA GLU A 146 -0.26 -9.54 -8.48
C GLU A 146 0.49 -10.82 -8.81
N ARG A 147 -0.25 -11.92 -8.93
CA ARG A 147 0.29 -13.22 -9.39
C ARG A 147 0.40 -13.22 -10.91
N ALA A 148 1.39 -13.92 -11.45
CA ALA A 148 1.65 -14.06 -12.90
C ALA A 148 0.47 -14.75 -13.60
N GLN A 149 0.07 -14.24 -14.76
CA GLN A 149 -0.82 -14.94 -15.73
C GLN A 149 0.04 -15.35 -16.92
N LEU A 150 0.18 -16.66 -17.16
CA LEU A 150 0.96 -17.19 -18.32
C LEU A 150 0.11 -17.00 -19.58
N GLU A 151 0.56 -16.11 -20.48
CA GLU A 151 0.00 -15.93 -21.85
C GLU A 151 1.08 -16.31 -22.86
N ASP A 152 1.31 -15.52 -23.93
CA ASP A 152 1.96 -16.03 -25.17
C ASP A 152 3.44 -16.35 -24.90
N GLY A 153 3.70 -17.42 -24.15
CA GLY A 153 5.05 -17.87 -23.76
C GLY A 153 5.67 -17.06 -22.62
N ARG A 154 5.11 -15.89 -22.28
CA ARG A 154 5.60 -15.02 -21.19
C ARG A 154 4.47 -14.79 -20.18
N PHE A 155 4.84 -14.30 -19.00
CA PHE A 155 3.89 -13.98 -17.91
C PHE A 155 3.54 -12.49 -17.97
N VAL A 156 2.27 -12.18 -17.67
CA VAL A 156 1.78 -10.78 -17.57
C VAL A 156 1.24 -10.58 -16.16
N TYR A 157 1.53 -9.41 -15.62
CA TYR A 157 1.01 -8.95 -14.32
C TYR A 157 0.14 -7.72 -14.63
N ARG A 158 -1.17 -7.83 -14.41
CA ARG A 158 -2.13 -6.73 -14.73
C ARG A 158 -2.67 -6.18 -13.42
N LEU A 159 -2.40 -4.90 -13.14
CA LEU A 159 -3.03 -4.12 -12.04
C LEU A 159 -3.84 -2.98 -12.67
N LEU A 160 -4.93 -3.32 -13.34
CA LEU A 160 -5.73 -2.40 -14.17
C LEU A 160 -6.79 -1.71 -13.32
N ARG A 161 -7.01 -0.44 -13.58
CA ARG A 161 -8.15 0.34 -13.03
C ARG A 161 -8.16 0.27 -11.49
N SER A 162 -6.99 0.32 -10.84
CA SER A 162 -6.91 0.57 -9.39
C SER A 162 -7.52 1.94 -9.16
N PRO A 163 -8.49 2.07 -8.23
CA PRO A 163 -9.00 3.38 -7.86
C PRO A 163 -7.84 4.21 -7.30
N MET A 164 -7.65 5.41 -7.85
CA MET A 164 -6.74 6.43 -7.29
C MET A 164 -7.25 6.74 -5.88
N CYS A 165 -6.43 6.56 -4.87
CA CYS A 165 -6.84 6.92 -3.49
C CYS A 165 -7.01 8.44 -3.38
N GLU A 166 -7.72 8.83 -2.33
CA GLU A 166 -8.46 10.12 -2.27
C GLU A 166 -7.47 11.28 -2.09
N TYR A 167 -6.25 10.98 -1.62
CA TYR A 167 -5.20 12.01 -1.46
C TYR A 167 -4.80 12.56 -2.83
N LEU A 168 -4.55 11.67 -3.78
CA LEU A 168 -4.14 12.06 -5.14
C LEU A 168 -5.33 12.71 -5.82
N VAL A 169 -6.55 12.29 -5.52
CA VAL A 169 -7.71 12.90 -6.23
C VAL A 169 -7.94 14.32 -5.69
N ASN A 170 -7.83 14.53 -4.38
CA ASN A 170 -7.94 15.89 -3.77
C ASN A 170 -6.80 16.74 -4.31
N PHE A 171 -5.58 16.21 -4.27
CA PHE A 171 -4.40 16.94 -4.78
C PHE A 171 -4.67 17.43 -6.20
N LEU A 172 -5.09 16.54 -7.11
CA LEU A 172 -5.33 16.90 -8.53
C LEU A 172 -6.41 17.98 -8.59
N HIS A 173 -7.49 17.82 -7.83
CA HIS A 173 -8.61 18.78 -7.87
CA HIS A 173 -8.62 18.77 -7.85
C HIS A 173 -8.13 20.16 -7.40
N LYS A 174 -7.17 20.21 -6.49
CA LYS A 174 -6.65 21.49 -5.97
C LYS A 174 -5.67 22.10 -6.98
N LEU A 175 -4.70 21.30 -7.38
CA LEU A 175 -3.65 21.70 -8.34
C LEU A 175 -4.30 22.34 -9.56
N ARG A 176 -5.39 21.77 -10.06
CA ARG A 176 -5.98 22.26 -11.34
C ARG A 176 -6.61 23.65 -11.14
N GLN A 177 -6.92 24.09 -9.91
CA GLN A 177 -7.63 25.38 -9.71
C GLN A 177 -6.61 26.50 -9.44
N LEU A 178 -5.31 26.20 -9.43
CA LEU A 178 -4.25 27.23 -9.22
C LEU A 178 -4.30 28.21 -10.39
N PRO A 179 -4.06 29.52 -10.12
CA PRO A 179 -4.18 30.54 -11.16
C PRO A 179 -3.08 30.54 -12.21
N GLU A 180 -1.99 29.79 -12.04
CA GLU A 180 -0.77 29.96 -12.87
C GLU A 180 -0.01 28.65 -12.96
N ARG A 181 0.53 28.36 -14.14
CA ARG A 181 1.35 27.16 -14.41
C ARG A 181 2.60 27.20 -13.54
N TYR A 182 3.23 28.36 -13.36
CA TYR A 182 4.49 28.43 -12.58
C TYR A 182 4.21 27.99 -11.13
N MET A 183 3.02 28.30 -10.59
CA MET A 183 2.56 27.92 -9.21
C MET A 183 2.30 26.40 -9.14
N MET A 184 1.63 25.83 -10.14
CA MET A 184 1.50 24.36 -10.27
C MET A 184 2.89 23.73 -10.23
N ASN A 185 3.83 24.32 -10.95
CA ASN A 185 5.20 23.77 -11.04
C ASN A 185 5.92 23.88 -9.69
N SER A 186 5.71 24.96 -8.94
CA SER A 186 6.38 25.16 -7.63
C SER A 186 5.84 24.14 -6.64
N VAL A 187 4.52 23.96 -6.64
CA VAL A 187 3.86 22.92 -5.81
C VAL A 187 4.44 21.56 -6.21
N LEU A 188 4.43 21.24 -7.51
CA LEU A 188 4.83 19.89 -7.97
C LEU A 188 6.31 19.70 -7.66
N GLU A 189 7.06 20.78 -7.48
CA GLU A 189 8.52 20.69 -7.19
C GLU A 189 8.70 19.80 -5.96
N ASN A 190 7.74 19.81 -5.04
CA ASN A 190 7.84 19.06 -3.76
C ASN A 190 6.85 17.89 -3.74
N PHE A 191 6.43 17.40 -4.90
CA PHE A 191 5.50 16.26 -4.97
C PHE A 191 6.19 15.15 -5.78
N THR A 192 6.43 14.02 -5.14
CA THR A 192 7.10 12.90 -5.84
C THR A 192 6.40 11.58 -5.50
N ILE A 193 6.73 10.56 -6.26
CA ILE A 193 6.12 9.20 -6.12
C ILE A 193 7.25 8.19 -6.33
N LEU A 194 7.39 7.26 -5.40
CA LEU A 194 8.38 6.18 -5.50
C LEU A 194 7.63 4.86 -5.61
N GLN A 195 7.94 4.09 -6.65
CA GLN A 195 7.35 2.76 -6.89
C GLN A 195 8.46 1.72 -6.75
N VAL A 196 8.26 0.74 -5.86
CA VAL A 196 9.16 -0.43 -5.62
C VAL A 196 8.38 -1.70 -5.98
N VAL A 197 8.82 -2.41 -7.00
CA VAL A 197 8.25 -3.73 -7.38
C VAL A 197 9.25 -4.78 -6.90
N THR A 198 8.81 -5.68 -6.02
CA THR A 198 9.64 -6.78 -5.48
C THR A 198 8.98 -8.11 -5.79
N ASN A 199 9.78 -9.13 -5.99
CA ASN A 199 9.35 -10.54 -5.92
C ASN A 199 8.86 -10.79 -4.49
N ARG A 200 7.54 -10.90 -4.28
CA ARG A 200 6.92 -11.11 -2.94
C ARG A 200 7.57 -12.29 -2.20
N ASP A 201 7.82 -13.42 -2.87
CA ASP A 201 8.38 -14.66 -2.24
C ASP A 201 9.81 -14.39 -1.77
N THR A 202 10.69 -13.96 -2.68
CA THR A 202 12.16 -13.90 -2.45
C THR A 202 12.56 -12.56 -1.81
N GLN A 203 11.78 -11.50 -2.02
CA GLN A 203 12.04 -10.13 -1.48
C GLN A 203 13.02 -9.39 -2.38
N GLU A 204 13.51 -9.99 -3.46
CA GLU A 204 14.47 -9.31 -4.36
C GLU A 204 13.70 -8.18 -5.07
N LEU A 205 14.30 -6.99 -5.10
CA LEU A 205 13.79 -5.79 -5.80
C LEU A 205 13.89 -6.06 -7.30
N LEU A 206 12.81 -5.80 -8.03
CA LEU A 206 12.77 -6.02 -9.50
C LEU A 206 12.86 -4.68 -10.20
N LEU A 207 12.21 -3.66 -9.67
CA LEU A 207 12.03 -2.36 -10.37
C LEU A 207 11.76 -1.29 -9.33
N CYS A 208 12.51 -0.20 -9.43
CA CYS A 208 12.32 1.00 -8.58
C CYS A 208 12.25 2.20 -9.49
N THR A 209 11.10 2.89 -9.50
CA THR A 209 10.84 4.06 -10.35
C THR A 209 10.57 5.28 -9.46
N ALA A 210 11.39 6.32 -9.60
CA ALA A 210 11.17 7.63 -8.97
C ALA A 210 10.48 8.52 -9.98
N TYR A 211 9.41 9.19 -9.56
CA TYR A 211 8.62 10.06 -10.46
C TYR A 211 8.71 11.50 -9.93
N VAL A 212 9.12 12.41 -10.80
CA VAL A 212 9.09 13.88 -10.55
C VAL A 212 8.21 14.48 -11.63
N PHE A 213 7.64 15.63 -11.36
CA PHE A 213 6.43 16.12 -12.08
C PHE A 213 6.55 17.61 -12.38
N GLU A 214 5.92 18.00 -13.48
CA GLU A 214 5.64 19.37 -13.86
C GLU A 214 4.30 19.33 -14.54
N VAL A 215 3.66 20.46 -14.79
CA VAL A 215 2.47 20.49 -15.68
C VAL A 215 2.97 20.63 -17.11
N SER A 216 2.24 20.02 -18.02
CA SER A 216 2.37 20.26 -19.43
C SER A 216 1.42 21.38 -19.76
N THR A 217 1.50 21.88 -20.99
CA THR A 217 0.65 22.97 -21.38
C THR A 217 -0.53 22.52 -22.22
N SER A 218 -1.71 22.58 -21.61
CA SER A 218 -3.01 22.25 -22.20
C SER A 218 -3.02 21.66 -23.60
N GLU A 219 -2.38 22.32 -24.55
CA GLU A 219 -2.37 21.80 -25.90
C GLU A 219 -1.37 20.68 -26.08
N ARG A 220 -0.35 20.63 -25.26
CA ARG A 220 0.51 19.46 -25.25
C ARG A 220 -0.07 18.53 -24.19
N GLY A 221 -0.31 17.28 -24.54
CA GLY A 221 -0.83 16.35 -23.58
C GLY A 221 0.25 15.85 -22.64
N ALA A 222 0.02 14.73 -21.99
CA ALA A 222 1.03 14.17 -21.08
C ALA A 222 2.26 13.79 -21.89
N GLN A 223 3.43 13.93 -21.29
CA GLN A 223 4.71 13.53 -21.89
C GLN A 223 5.60 13.07 -20.76
N HIS A 224 6.69 12.40 -21.11
CA HIS A 224 7.58 11.82 -20.08
C HIS A 224 8.95 11.67 -20.69
N HIS A 225 9.92 11.58 -19.80
CA HIS A 225 11.33 11.28 -20.10
C HIS A 225 11.81 10.31 -19.03
N ILE A 226 12.36 9.19 -19.47
CA ILE A 226 12.86 8.12 -18.57
C ILE A 226 14.37 8.24 -18.51
N TYR A 227 14.95 8.18 -17.32
CA TYR A 227 16.41 8.18 -17.10
C TYR A 227 16.78 6.92 -16.30
N ARG A 228 17.98 6.40 -16.54
CA ARG A 228 18.66 5.46 -15.62
C ARG A 228 19.15 6.27 -14.41
N LEU A 229 18.90 5.76 -13.20
CA LEU A 229 19.50 6.28 -11.95
C LEU A 229 20.83 5.56 -11.75
N VAL A 230 21.92 6.33 -11.66
CA VAL A 230 23.32 5.83 -11.52
C VAL A 230 23.95 6.44 -10.28
N ARG A 231 25.12 5.92 -9.94
CA ARG A 231 25.96 6.36 -8.80
C ARG A 231 27.34 5.71 -8.90
N GLY B 7 -14.97 -15.74 20.47
CA GLY B 7 -13.77 -15.73 19.56
C GLY B 7 -13.88 -14.64 18.52
N LEU B 8 -12.74 -14.23 17.94
CA LEU B 8 -12.70 -13.27 16.80
C LEU B 8 -12.92 -14.04 15.49
N GLY B 9 -14.15 -14.02 14.98
CA GLY B 9 -14.53 -14.79 13.78
C GLY B 9 -16.04 -14.92 13.64
N THR B 10 -16.47 -15.47 12.52
CA THR B 10 -17.88 -15.80 12.19
C THR B 10 -17.96 -17.30 11.90
N ALA B 11 -19.17 -17.80 11.68
CA ALA B 11 -19.43 -19.16 11.14
C ALA B 11 -18.55 -19.41 9.90
N ARG B 12 -18.26 -18.37 9.11
CA ARG B 12 -17.65 -18.48 7.77
C ARG B 12 -16.12 -18.38 7.85
N LEU B 13 -15.57 -17.50 8.68
CA LEU B 13 -14.10 -17.30 8.78
C LEU B 13 -13.71 -17.02 10.23
N GLN B 14 -12.59 -17.56 10.68
CA GLN B 14 -12.10 -17.33 12.06
C GLN B 14 -10.59 -17.06 12.02
N LEU B 15 -10.15 -16.00 12.69
CA LEU B 15 -8.72 -15.76 13.02
C LEU B 15 -8.31 -16.91 13.94
N VAL B 16 -7.17 -17.53 13.67
CA VAL B 16 -6.65 -18.69 14.46
C VAL B 16 -5.35 -18.26 15.14
N GLU B 17 -4.82 -17.09 14.79
CA GLU B 17 -3.51 -16.62 15.26
C GLU B 17 -3.14 -15.34 14.53
N PHE B 18 -2.48 -14.42 15.23
CA PHE B 18 -1.95 -13.18 14.64
C PHE B 18 -0.78 -12.71 15.49
N SER B 19 0.37 -12.51 14.88
CA SER B 19 1.52 -11.88 15.54
C SER B 19 2.17 -10.84 14.61
N ALA B 20 2.63 -9.74 15.19
CA ALA B 20 3.64 -8.88 14.55
C ALA B 20 4.86 -8.93 15.44
N PHE B 21 6.03 -9.09 14.84
CA PHE B 21 7.24 -9.49 15.59
C PHE B 21 8.49 -8.99 14.89
N VAL B 22 9.62 -9.17 15.58
CA VAL B 22 10.96 -8.88 15.01
C VAL B 22 11.92 -9.99 15.44
N GLU B 23 12.85 -10.35 14.55
CA GLU B 23 13.92 -11.36 14.79
C GLU B 23 15.11 -10.95 13.93
N PRO B 24 16.37 -11.06 14.43
CA PRO B 24 17.50 -10.31 13.87
C PRO B 24 18.30 -11.08 12.81
N ARG B 33 12.50 -14.50 18.56
CA ARG B 33 11.22 -13.79 18.26
C ARG B 33 10.84 -12.89 19.46
N HIS B 34 10.68 -11.58 19.21
CA HIS B 34 9.94 -10.65 20.09
C HIS B 34 8.62 -10.31 19.41
N LEU B 35 7.52 -10.51 20.12
CA LEU B 35 6.16 -10.24 19.59
C LEU B 35 5.69 -8.89 20.13
N PHE B 36 5.34 -7.96 19.26
CA PHE B 36 4.78 -6.65 19.69
C PHE B 36 3.32 -6.86 20.08
N VAL B 37 2.65 -7.77 19.36
CA VAL B 37 1.24 -8.16 19.59
C VAL B 37 1.05 -9.60 19.14
N HIS B 38 0.19 -10.34 19.83
CA HIS B 38 0.00 -11.79 19.60
C HIS B 38 -1.43 -12.12 20.03
N ILE B 39 -2.21 -12.67 19.10
CA ILE B 39 -3.52 -13.34 19.38
C ILE B 39 -3.35 -14.81 19.03
N SER B 40 -3.51 -15.71 20.01
CA SER B 40 -3.49 -17.19 19.81
C SER B 40 -4.89 -17.73 20.10
N GLN B 41 -5.41 -18.62 19.25
CA GLN B 41 -6.80 -19.14 19.31
C GLN B 41 -6.82 -20.57 18.75
N PRO B 50 -17.93 -15.27 26.20
CA PRO B 50 -18.89 -14.15 26.05
C PRO B 50 -18.19 -12.80 25.80
N LEU B 51 -17.89 -12.46 24.54
CA LEU B 51 -17.13 -11.24 24.14
C LEU B 51 -17.98 -10.00 24.44
N GLU B 52 -17.36 -8.99 25.07
CA GLU B 52 -17.96 -7.67 25.38
C GLU B 52 -18.28 -6.93 24.07
N SER B 53 -19.21 -5.99 24.14
CA SER B 53 -19.69 -5.18 23.00
C SER B 53 -19.20 -3.73 23.16
N VAL B 54 -19.00 -3.03 22.04
CA VAL B 54 -18.70 -1.55 22.00
C VAL B 54 -19.43 -0.95 20.80
N ASP B 55 -19.96 0.26 20.96
CA ASP B 55 -20.70 0.94 19.88
C ASP B 55 -19.67 1.42 18.86
N VAL B 56 -19.85 1.03 17.60
CA VAL B 56 -18.96 1.44 16.46
C VAL B 56 -18.95 2.96 16.31
N ARG B 57 -20.00 3.66 16.76
CA ARG B 57 -20.09 5.15 16.65
C ARG B 57 -18.92 5.75 17.42
N GLN B 58 -18.50 5.08 18.49
CA GLN B 58 -17.41 5.56 19.38
C GLN B 58 -16.08 5.70 18.60
N ILE B 59 -15.90 4.97 17.51
CA ILE B 59 -14.56 4.88 16.83
C ILE B 59 -14.65 5.26 15.34
N TYR B 60 -15.72 5.95 14.92
CA TYR B 60 -15.90 6.46 13.53
C TYR B 60 -14.75 7.43 13.19
N ASP B 61 -14.43 8.32 14.12
CA ASP B 61 -13.40 9.39 13.94
C ASP B 61 -11.99 8.80 14.05
N LYS B 62 -11.82 7.49 14.25
CA LYS B 62 -10.49 6.82 14.25
C LYS B 62 -10.12 6.37 12.83
N PHE B 63 -11.03 6.42 11.85
CA PHE B 63 -10.82 5.89 10.47
C PHE B 63 -11.46 6.84 9.45
N PRO B 64 -11.01 6.89 8.18
CA PRO B 64 -11.51 7.87 7.22
C PRO B 64 -13.00 7.67 6.91
N GLU B 65 -13.73 8.78 6.70
CA GLU B 65 -15.21 8.80 6.49
C GLU B 65 -15.55 8.72 5.00
N LYS B 66 -14.57 8.82 4.11
CA LYS B 66 -14.76 8.57 2.66
C LYS B 66 -15.17 7.10 2.45
N LYS B 67 -15.36 6.70 1.20
CA LYS B 67 -15.51 5.27 0.81
C LYS B 67 -14.40 4.48 1.51
N GLY B 68 -14.69 3.23 1.87
CA GLY B 68 -13.78 2.40 2.69
C GLY B 68 -13.58 3.00 4.06
N GLY B 69 -14.62 3.65 4.59
CA GLY B 69 -14.69 4.14 5.98
C GLY B 69 -15.53 3.18 6.81
N LEU B 70 -15.26 3.12 8.12
CA LEU B 70 -15.95 2.21 9.07
C LEU B 70 -17.47 2.46 9.00
N ARG B 71 -17.88 3.74 8.96
CA ARG B 71 -19.30 4.19 8.86
C ARG B 71 -20.00 3.44 7.72
N GLU B 72 -19.48 3.57 6.50
CA GLU B 72 -20.13 3.06 5.26
C GLU B 72 -19.89 1.55 5.09
N LEU B 73 -18.91 0.97 5.79
CA LEU B 73 -18.64 -0.50 5.75
C LEU B 73 -19.66 -1.22 6.63
N TYR B 74 -19.92 -0.71 7.84
CA TYR B 74 -20.84 -1.31 8.83
C TYR B 74 -22.26 -1.32 8.26
N ASP B 75 -22.64 -0.24 7.55
CA ASP B 75 -23.94 -0.12 6.85
C ASP B 75 -24.15 -1.33 5.92
N ARG B 76 -23.20 -1.58 5.02
CA ARG B 76 -23.28 -2.66 3.98
C ARG B 76 -23.45 -4.02 4.64
N GLY B 77 -23.09 -4.13 5.92
CA GLY B 77 -23.21 -5.38 6.69
C GLY B 77 -22.17 -6.39 6.23
N PRO B 78 -22.15 -7.59 6.85
CA PRO B 78 -23.08 -7.91 7.93
C PRO B 78 -22.53 -7.46 9.29
N PRO B 79 -23.35 -6.79 10.14
CA PRO B 79 -22.89 -6.29 11.44
C PRO B 79 -22.09 -7.27 12.30
N HIS B 80 -22.42 -8.56 12.29
CA HIS B 80 -21.81 -9.59 13.18
C HIS B 80 -20.34 -9.87 12.81
N ALA B 81 -19.85 -9.34 11.68
CA ALA B 81 -18.49 -9.58 11.14
C ALA B 81 -17.50 -8.50 11.63
N PHE B 82 -17.98 -7.48 12.37
CA PHE B 82 -17.14 -6.33 12.80
C PHE B 82 -16.62 -6.49 14.24
N PHE B 83 -15.30 -6.54 14.41
CA PHE B 83 -14.63 -6.72 15.73
C PHE B 83 -13.64 -5.57 15.99
N LEU B 84 -13.56 -5.14 17.26
CA LEU B 84 -12.51 -4.22 17.78
C LEU B 84 -11.52 -5.05 18.59
N VAL B 85 -10.23 -4.85 18.32
CA VAL B 85 -9.14 -5.43 19.12
C VAL B 85 -8.31 -4.29 19.70
N LYS B 86 -8.21 -4.23 21.03
CA LYS B 86 -7.30 -3.29 21.75
C LYS B 86 -6.02 -4.05 22.11
N PHE B 87 -4.87 -3.54 21.66
CA PHE B 87 -3.53 -4.16 21.87
C PHE B 87 -2.75 -3.33 22.88
N TRP B 88 -2.25 -3.97 23.94
CA TRP B 88 -1.15 -3.42 24.76
C TRP B 88 0.16 -4.03 24.22
N ALA B 89 0.82 -3.32 23.29
CA ALA B 89 1.98 -3.79 22.55
C ALA B 89 3.21 -3.82 23.47
N ASP B 90 4.09 -4.78 23.23
CA ASP B 90 5.38 -4.87 23.94
C ASP B 90 6.45 -4.25 23.04
N LEU B 91 6.97 -3.09 23.42
CA LEU B 91 8.05 -2.38 22.66
C LEU B 91 9.41 -2.49 23.37
N ASN B 92 9.62 -3.48 24.24
CA ASN B 92 10.90 -3.66 24.97
C ASN B 92 11.70 -4.77 24.29
N TRP B 93 12.64 -4.39 23.41
CA TRP B 93 13.56 -5.31 22.69
C TRP B 93 14.83 -4.54 22.29
N SER B 108 19.85 -1.46 14.02
CA SER B 108 18.51 -0.97 13.62
C SER B 108 17.64 -2.09 13.02
N GLY B 109 17.99 -3.36 13.27
CA GLY B 109 17.23 -4.54 12.81
C GLY B 109 18.03 -5.33 11.77
N GLY B 110 17.52 -6.49 11.32
CA GLY B 110 16.28 -7.07 11.82
C GLY B 110 15.32 -7.42 10.69
N PHE B 111 14.62 -8.54 10.81
CA PHE B 111 13.44 -8.85 9.95
C PHE B 111 12.17 -8.54 10.76
N TYR B 112 11.32 -7.68 10.21
CA TYR B 112 10.06 -7.20 10.83
C TYR B 112 8.90 -7.83 10.05
N GLY B 113 8.11 -8.66 10.75
CA GLY B 113 7.10 -9.51 10.11
C GLY B 113 5.71 -9.40 10.74
N VAL B 114 4.70 -9.67 9.92
CA VAL B 114 3.31 -9.99 10.34
C VAL B 114 3.01 -11.43 9.90
N SER B 115 2.45 -12.24 10.80
CA SER B 115 1.91 -13.60 10.51
C SER B 115 0.42 -13.62 10.87
N SER B 116 -0.43 -13.96 9.90
CA SER B 116 -1.88 -14.19 10.10
C SER B 116 -2.25 -15.62 9.63
N GLN B 117 -3.17 -16.25 10.35
CA GLN B 117 -3.66 -17.61 10.06
C GLN B 117 -5.17 -17.57 10.27
N TYR B 118 -5.92 -17.79 9.20
CA TYR B 118 -7.40 -17.83 9.21
C TYR B 118 -7.81 -19.27 8.90
N GLU B 119 -9.07 -19.61 9.15
CA GLU B 119 -9.62 -20.93 8.75
C GLU B 119 -11.12 -20.81 8.44
N SER B 120 -11.62 -21.76 7.66
CA SER B 120 -13.04 -21.85 7.24
C SER B 120 -13.40 -23.31 6.95
N LEU B 121 -14.68 -23.61 6.89
CA LEU B 121 -15.17 -24.95 6.44
C LEU B 121 -15.48 -24.90 4.95
N GLU B 122 -15.65 -23.72 4.36
CA GLU B 122 -15.89 -23.61 2.90
C GLU B 122 -14.62 -23.13 2.21
N HIS B 123 -14.45 -23.55 0.95
CA HIS B 123 -13.29 -23.24 0.10
C HIS B 123 -13.49 -21.85 -0.51
N MET B 124 -12.60 -20.92 -0.18
CA MET B 124 -12.66 -19.51 -0.65
C MET B 124 -11.27 -19.03 -1.09
N THR B 125 -11.25 -17.93 -1.81
CA THR B 125 -10.07 -17.05 -1.98
C THR B 125 -10.32 -15.76 -1.21
N LEU B 126 -9.37 -15.37 -0.38
CA LEU B 126 -9.53 -14.17 0.48
C LEU B 126 -8.79 -12.99 -0.17
N THR B 127 -9.37 -11.80 -0.09
CA THR B 127 -8.61 -10.52 -0.23
C THR B 127 -8.56 -9.88 1.15
N CYS B 128 -7.35 -9.62 1.65
CA CYS B 128 -7.10 -8.99 2.97
C CYS B 128 -6.59 -7.57 2.72
N SER B 129 -7.40 -6.56 3.04
CA SER B 129 -6.99 -5.14 3.01
C SER B 129 -6.63 -4.68 4.43
N SER B 130 -5.46 -4.07 4.60
CA SER B 130 -5.03 -3.45 5.88
C SER B 130 -4.78 -1.98 5.60
N LYS B 131 -5.53 -1.10 6.25
CA LYS B 131 -5.36 0.37 6.13
C LYS B 131 -4.81 0.86 7.46
N VAL B 132 -3.57 1.31 7.43
CA VAL B 132 -2.92 1.98 8.58
C VAL B 132 -3.29 3.45 8.56
N CYS B 133 -3.88 3.94 9.65
CA CYS B 133 -4.47 5.30 9.73
C CYS B 133 -3.71 6.12 10.79
N SER B 134 -3.36 7.34 10.44
CA SER B 134 -2.77 8.32 11.37
C SER B 134 -3.67 9.55 11.41
N PHE B 135 -4.26 9.82 12.57
CA PHE B 135 -5.25 10.91 12.83
C PHE B 135 -6.45 10.76 11.88
N GLY B 136 -6.92 9.54 11.68
CA GLY B 136 -8.13 9.25 10.87
C GLY B 136 -7.89 9.42 9.37
N LYS B 137 -6.66 9.66 8.94
CA LYS B 137 -6.30 9.63 7.50
C LYS B 137 -5.54 8.33 7.26
N GLN B 138 -5.83 7.70 6.13
CA GLN B 138 -5.15 6.48 5.65
C GLN B 138 -3.80 6.85 5.09
N VAL B 139 -2.73 6.34 5.71
CA VAL B 139 -1.33 6.60 5.29
C VAL B 139 -0.76 5.34 4.64
N VAL B 140 -1.39 4.18 4.81
CA VAL B 140 -0.95 2.94 4.14
C VAL B 140 -2.15 2.06 3.87
N GLU B 141 -2.36 1.62 2.63
CA GLU B 141 -3.28 0.51 2.34
C GLU B 141 -2.47 -0.63 1.73
N LYS B 142 -2.55 -1.82 2.32
CA LYS B 142 -1.83 -3.03 1.88
C LYS B 142 -2.86 -4.09 1.53
N VAL B 143 -2.87 -4.57 0.27
CA VAL B 143 -3.91 -5.52 -0.23
C VAL B 143 -3.27 -6.85 -0.61
N GLU B 144 -3.69 -7.93 0.07
CA GLU B 144 -3.16 -9.30 -0.09
C GLU B 144 -4.29 -10.24 -0.52
N THR B 145 -3.91 -11.31 -1.18
CA THR B 145 -4.80 -12.39 -1.64
C THR B 145 -4.22 -13.70 -1.10
N GLU B 146 -5.06 -14.58 -0.55
CA GLU B 146 -4.58 -15.90 -0.07
C GLU B 146 -5.65 -16.94 -0.43
N ARG B 147 -5.24 -17.98 -1.16
CA ARG B 147 -6.15 -19.07 -1.60
C ARG B 147 -6.18 -20.13 -0.51
N ALA B 148 -7.34 -20.76 -0.30
CA ALA B 148 -7.55 -21.77 0.76
C ALA B 148 -6.63 -22.96 0.49
N GLN B 149 -6.17 -23.59 1.58
CA GLN B 149 -5.40 -24.85 1.57
C GLN B 149 -6.13 -25.87 2.45
N LEU B 150 -6.31 -27.11 1.98
CA LEU B 150 -6.97 -28.20 2.76
C LEU B 150 -5.99 -28.73 3.81
N GLU B 151 -6.44 -28.77 5.07
CA GLU B 151 -5.66 -29.31 6.21
C GLU B 151 -6.59 -29.82 7.31
N ASP B 152 -6.65 -31.15 7.53
CA ASP B 152 -7.41 -31.78 8.64
C ASP B 152 -8.89 -31.39 8.53
N GLY B 153 -9.53 -31.70 7.40
CA GLY B 153 -10.96 -31.47 7.16
C GLY B 153 -11.41 -30.06 7.50
N ARG B 154 -10.57 -29.06 7.18
CA ARG B 154 -10.87 -27.61 7.28
C ARG B 154 -9.92 -26.85 6.34
N PHE B 155 -10.33 -25.64 5.93
CA PHE B 155 -9.55 -24.80 4.99
C PHE B 155 -8.79 -23.73 5.78
N VAL B 156 -7.46 -23.72 5.63
CA VAL B 156 -6.56 -22.77 6.33
C VAL B 156 -6.03 -21.75 5.32
N TYR B 157 -5.89 -20.51 5.79
CA TYR B 157 -5.35 -19.39 5.00
C TYR B 157 -4.13 -18.83 5.74
N ARG B 158 -2.93 -19.10 5.23
CA ARG B 158 -1.65 -18.72 5.89
C ARG B 158 -1.01 -17.53 5.15
N LEU B 159 -1.07 -16.34 5.77
CA LEU B 159 -0.35 -15.11 5.31
C LEU B 159 0.85 -14.92 6.25
N LEU B 160 1.86 -15.80 6.14
CA LEU B 160 2.94 -15.96 7.15
C LEU B 160 4.16 -15.12 6.78
N ARG B 161 4.80 -14.53 7.79
CA ARG B 161 6.09 -13.78 7.69
C ARG B 161 6.02 -12.78 6.54
N SER B 162 4.88 -12.07 6.39
CA SER B 162 4.75 -10.96 5.42
C SER B 162 5.57 -9.78 5.96
N PRO B 163 6.47 -9.18 5.16
CA PRO B 163 7.31 -8.10 5.67
C PRO B 163 6.48 -6.85 6.01
N MET B 164 6.66 -6.33 7.22
CA MET B 164 6.01 -5.10 7.71
C MET B 164 6.36 -3.93 6.80
N CYS B 165 5.37 -3.07 6.50
CA CYS B 165 5.52 -1.76 5.81
C CYS B 165 6.80 -1.09 6.27
N GLU B 166 7.45 -0.36 5.36
CA GLU B 166 8.58 0.52 5.69
C GLU B 166 8.07 1.58 6.67
N TYR B 167 6.79 1.96 6.58
CA TYR B 167 6.18 3.04 7.40
C TYR B 167 6.07 2.58 8.87
N LEU B 168 5.54 1.38 9.09
CA LEU B 168 5.40 0.80 10.45
C LEU B 168 6.77 0.55 11.07
N VAL B 169 7.76 0.08 10.28
CA VAL B 169 9.11 -0.24 10.80
C VAL B 169 9.71 1.06 11.34
N ASN B 170 9.65 2.13 10.56
CA ASN B 170 10.19 3.46 10.95
C ASN B 170 9.44 3.97 12.18
N PHE B 171 8.12 3.86 12.19
CA PHE B 171 7.26 4.35 13.30
C PHE B 171 7.65 3.62 14.59
N LEU B 172 7.79 2.28 14.52
CA LEU B 172 8.17 1.41 15.65
C LEU B 172 9.52 1.86 16.22
N HIS B 173 10.52 2.10 15.36
CA HIS B 173 11.90 2.47 15.78
C HIS B 173 11.90 3.81 16.49
N LYS B 174 10.99 4.72 16.11
CA LYS B 174 10.87 6.04 16.75
C LYS B 174 10.08 5.89 18.05
N LEU B 175 8.99 5.13 18.01
CA LEU B 175 8.10 4.91 19.17
C LEU B 175 8.97 4.38 20.32
N ARG B 176 9.88 3.46 20.02
CA ARG B 176 10.69 2.82 21.07
C ARG B 176 11.62 3.84 21.74
N GLN B 177 11.95 4.96 21.08
CA GLN B 177 12.88 6.01 21.60
C GLN B 177 12.25 6.71 22.81
N LEU B 178 10.94 6.90 22.79
CA LEU B 178 10.22 7.74 23.76
C LEU B 178 10.61 7.33 25.17
N PRO B 179 10.96 8.31 26.04
CA PRO B 179 11.34 8.03 27.43
C PRO B 179 10.28 7.49 28.39
N GLU B 180 8.99 7.69 28.08
CA GLU B 180 7.86 7.38 29.00
C GLU B 180 6.77 6.64 28.22
N ARG B 181 6.23 5.58 28.80
CA ARG B 181 5.14 4.82 28.13
C ARG B 181 3.90 5.72 28.00
N TYR B 182 3.69 6.68 28.91
CA TYR B 182 2.55 7.62 28.77
C TYR B 182 2.75 8.44 27.48
N MET B 183 4.00 8.65 27.08
CA MET B 183 4.25 9.39 25.81
C MET B 183 3.94 8.47 24.61
N MET B 184 4.42 7.22 24.63
CA MET B 184 4.07 6.17 23.64
C MET B 184 2.53 6.08 23.51
N ASN B 185 1.81 6.01 24.62
CA ASN B 185 0.32 5.97 24.59
C ASN B 185 -0.26 7.23 23.95
N SER B 186 0.24 8.41 24.30
CA SER B 186 -0.22 9.69 23.70
C SER B 186 -0.07 9.62 22.17
N VAL B 187 1.06 9.10 21.70
CA VAL B 187 1.33 9.02 20.24
C VAL B 187 0.43 7.97 19.60
N LEU B 188 0.10 6.90 20.32
CA LEU B 188 -0.72 5.80 19.75
C LEU B 188 -2.21 6.18 19.79
N GLU B 189 -2.68 7.09 20.65
CA GLU B 189 -4.15 7.42 20.67
C GLU B 189 -4.56 7.76 19.22
N ASN B 190 -3.65 8.27 18.39
CA ASN B 190 -4.00 8.74 17.02
C ASN B 190 -3.63 7.70 15.94
N PHE B 191 -3.33 6.45 16.30
CA PHE B 191 -2.79 5.46 15.36
C PHE B 191 -3.65 4.20 15.38
N THR B 192 -4.23 3.84 14.24
CA THR B 192 -5.22 2.75 14.16
C THR B 192 -4.98 1.95 12.90
N ILE B 193 -5.41 0.69 12.90
CA ILE B 193 -5.41 -0.19 11.72
C ILE B 193 -6.80 -0.76 11.53
N LEU B 194 -7.24 -0.81 10.28
CA LEU B 194 -8.53 -1.43 9.88
C LEU B 194 -8.23 -2.48 8.84
N GLN B 195 -8.59 -3.71 9.16
CA GLN B 195 -8.28 -4.89 8.31
C GLN B 195 -9.63 -5.44 7.88
N VAL B 196 -9.88 -5.43 6.56
CA VAL B 196 -11.14 -5.90 5.94
C VAL B 196 -10.83 -7.13 5.10
N VAL B 197 -11.42 -8.25 5.48
CA VAL B 197 -11.22 -9.57 4.82
C VAL B 197 -12.48 -9.88 4.02
N THR B 198 -12.33 -10.04 2.71
CA THR B 198 -13.45 -10.24 1.78
C THR B 198 -13.29 -11.60 1.11
N ASN B 199 -14.43 -12.20 0.75
CA ASN B 199 -14.45 -13.35 -0.18
C ASN B 199 -14.15 -12.77 -1.57
N ARG B 200 -12.96 -13.05 -2.12
CA ARG B 200 -12.52 -12.39 -3.38
C ARG B 200 -13.60 -12.52 -4.47
N ASP B 201 -14.08 -13.74 -4.69
CA ASP B 201 -14.92 -14.07 -5.87
C ASP B 201 -16.27 -13.38 -5.72
N THR B 202 -16.81 -13.25 -4.51
CA THR B 202 -18.17 -12.71 -4.30
C THR B 202 -18.12 -11.25 -3.82
N GLN B 203 -16.99 -10.80 -3.27
CA GLN B 203 -16.84 -9.44 -2.69
C GLN B 203 -17.59 -9.36 -1.36
N GLU B 204 -18.16 -10.47 -0.86
CA GLU B 204 -18.85 -10.52 0.45
C GLU B 204 -17.83 -10.17 1.55
N LEU B 205 -18.15 -9.20 2.41
CA LEU B 205 -17.36 -8.92 3.64
C LEU B 205 -17.44 -10.14 4.56
N LEU B 206 -16.29 -10.64 5.03
CA LEU B 206 -16.19 -11.81 5.95
C LEU B 206 -15.75 -11.34 7.35
N LEU B 207 -14.70 -10.53 7.43
CA LEU B 207 -14.18 -10.00 8.72
C LEU B 207 -13.80 -8.54 8.51
N CYS B 208 -14.23 -7.67 9.41
CA CYS B 208 -13.71 -6.30 9.55
C CYS B 208 -13.22 -6.09 10.97
N THR B 209 -11.90 -5.99 11.18
CA THR B 209 -11.32 -5.76 12.52
C THR B 209 -10.69 -4.37 12.57
N ALA B 210 -11.15 -3.56 13.50
CA ALA B 210 -10.48 -2.31 13.93
C ALA B 210 -9.47 -2.61 15.04
N TYR B 211 -8.26 -2.07 14.92
CA TYR B 211 -7.18 -2.22 15.92
C TYR B 211 -6.84 -0.83 16.51
N VAL B 212 -6.81 -0.78 17.84
CA VAL B 212 -6.32 0.41 18.61
C VAL B 212 -5.18 -0.08 19.48
N PHE B 213 -4.31 0.84 19.90
CA PHE B 213 -3.01 0.51 20.52
C PHE B 213 -2.74 1.38 21.76
N GLU B 214 -2.25 0.74 22.81
CA GLU B 214 -1.41 1.35 23.86
C GLU B 214 -0.17 0.48 23.98
N VAL B 215 0.66 0.81 24.94
CA VAL B 215 1.91 0.06 25.26
C VAL B 215 1.70 -0.63 26.60
N SER B 216 2.20 -1.86 26.72
CA SER B 216 2.27 -2.62 27.98
C SER B 216 3.63 -2.35 28.62
N THR B 217 3.89 -2.95 29.78
CA THR B 217 5.22 -2.95 30.46
C THR B 217 5.94 -4.24 30.09
N SER B 218 7.16 -4.46 30.59
CA SER B 218 7.98 -5.67 30.27
C SER B 218 7.45 -6.84 31.10
N GLU B 219 7.32 -6.66 32.42
CA GLU B 219 6.89 -7.70 33.38
C GLU B 219 5.47 -8.17 33.02
N ARG B 220 4.71 -7.34 32.31
CA ARG B 220 3.31 -7.58 31.88
C ARG B 220 3.33 -7.57 30.34
N GLY B 221 3.68 -8.69 29.72
CA GLY B 221 3.97 -8.76 28.28
C GLY B 221 2.82 -8.23 27.42
N ALA B 222 2.85 -8.50 26.12
CA ALA B 222 1.76 -8.12 25.20
C ALA B 222 0.43 -8.69 25.75
N GLN B 223 -0.64 -7.92 25.65
CA GLN B 223 -2.02 -8.30 26.07
C GLN B 223 -2.99 -7.79 25.01
N HIS B 224 -4.17 -8.38 24.90
CA HIS B 224 -5.23 -7.85 24.02
C HIS B 224 -6.60 -8.12 24.65
N HIS B 225 -7.59 -7.38 24.18
CA HIS B 225 -9.01 -7.55 24.53
C HIS B 225 -9.81 -7.37 23.23
N ILE B 226 -10.48 -8.43 22.81
CA ILE B 226 -11.28 -8.49 21.56
C ILE B 226 -12.71 -8.10 21.93
N TYR B 227 -13.29 -7.15 21.22
CA TYR B 227 -14.71 -6.73 21.37
C TYR B 227 -15.43 -6.95 20.05
N ARG B 228 -16.76 -7.04 20.11
CA ARG B 228 -17.64 -7.02 18.93
C ARG B 228 -18.13 -5.58 18.81
N LEU B 229 -18.31 -5.12 17.59
CA LEU B 229 -18.79 -3.75 17.33
C LEU B 229 -20.27 -3.84 16.98
N VAL B 230 -21.05 -2.95 17.57
CA VAL B 230 -22.53 -2.93 17.43
C VAL B 230 -22.93 -1.46 17.30
N ARG B 231 -24.06 -1.18 16.63
CA ARG B 231 -24.60 0.19 16.47
C ARG B 231 -25.71 0.44 17.49
#